data_8Z3I
#
_entry.id   8Z3I
#
_cell.length_a   51.338
_cell.length_b   52.455
_cell.length_c   109.467
_cell.angle_alpha   90.0
_cell.angle_beta   90.0
_cell.angle_gamma   90.0
#
_symmetry.space_group_name_H-M   'P 21 21 21'
#
loop_
_entity.id
_entity.type
_entity.pdbx_description
1 polymer 'Protein glutaminase domain-containing protein'
2 water water
#
_entity_poly.entity_id   1
_entity_poly.type   'polypeptide(L)'
_entity_poly.pdbx_seq_one_letter_code
;MKKNLLKLTLLLGLAIVLGSCNNEQEKNPQEVNPQTSNDYIIGLIKKCDDCEVSTSKTFFYCGIKAGASYVENDSPYLND
IKESISNGTPIKIYFDENEPERIISVVKISNSEEKNWNLNVKYDETPFKTIEDLNRKVSTQKASSFDFTTTEAVNFFNAM
KNKSCAINNQNLCIPFQYANDGCYARAHMMRQHMNYASKDCYKIFAYGNLKVNTSSTGVCGIAWRYHVAPLISVNGVWNV
IDPSLFNQPVTITTWLNKMKYNGGTVATTSYQNSSVYYYDYVSNYTQYDNNYTDTYSTLANYRYRQTSCSFL
;
_entity_poly.pdbx_strand_id   A
#
# COMPACT_ATOMS: atom_id res chain seq x y z
N GLN A 35 1.62 -5.53 -27.32
CA GLN A 35 1.57 -5.93 -25.91
C GLN A 35 0.20 -5.67 -25.30
N THR A 36 -0.30 -6.68 -24.60
CA THR A 36 -1.60 -6.59 -23.94
C THR A 36 -1.44 -6.90 -22.47
N SER A 37 -2.41 -6.45 -21.67
CA SER A 37 -2.38 -6.69 -20.24
C SER A 37 -3.76 -6.46 -19.61
N ASN A 38 -4.09 -7.27 -18.60
CA ASN A 38 -5.26 -7.01 -17.77
C ASN A 38 -4.89 -6.31 -16.46
N ASP A 39 -3.64 -5.88 -16.35
CA ASP A 39 -3.16 -5.23 -15.13
C ASP A 39 -3.19 -3.73 -15.30
N TYR A 40 -4.25 -3.09 -14.79
CA TYR A 40 -4.34 -1.64 -14.86
C TYR A 40 -4.77 -1.04 -13.54
N ILE A 41 -4.45 0.23 -13.35
CA ILE A 41 -5.07 1.01 -12.29
C ILE A 41 -5.50 2.38 -12.83
N ILE A 42 -6.36 3.05 -12.08
CA ILE A 42 -6.75 4.43 -12.36
C ILE A 42 -6.27 5.33 -11.21
N GLY A 43 -5.52 6.38 -11.54
CA GLY A 43 -5.09 7.29 -10.51
C GLY A 43 -4.17 8.37 -11.04
N LEU A 44 -3.65 9.17 -10.11
CA LEU A 44 -2.66 10.19 -10.44
C LEU A 44 -1.29 9.56 -10.64
N ILE A 45 -0.48 10.21 -11.46
CA ILE A 45 0.92 9.84 -11.61
C ILE A 45 1.76 10.95 -11.02
N LYS A 46 2.82 10.58 -10.30
CA LYS A 46 3.80 11.54 -9.78
C LYS A 46 5.19 11.10 -10.23
N LYS A 47 6.04 12.07 -10.57
CA LYS A 47 7.43 11.75 -10.85
C LYS A 47 8.07 11.18 -9.60
N CYS A 48 8.97 10.22 -9.74
CA CYS A 48 9.69 9.71 -8.58
C CYS A 48 11.03 10.42 -8.50
N ASP A 49 11.23 11.19 -7.43
CA ASP A 49 12.42 12.04 -7.32
C ASP A 49 13.66 11.29 -6.84
N ASP A 50 13.47 10.36 -5.91
CA ASP A 50 14.59 9.66 -5.30
C ASP A 50 14.80 8.27 -5.88
N CYS A 51 14.49 8.10 -7.17
CA CYS A 51 14.66 6.79 -7.79
C CYS A 51 15.98 6.69 -8.54
N GLU A 52 16.30 5.48 -9.00
CA GLU A 52 17.55 5.20 -9.71
C GLU A 52 17.73 6.07 -10.95
N VAL A 53 18.89 6.70 -11.08
CA VAL A 53 19.23 7.45 -12.28
C VAL A 53 19.28 6.52 -13.50
N SER A 54 18.75 6.99 -14.61
CA SER A 54 18.70 6.19 -15.83
C SER A 54 18.50 7.07 -17.06
N THR A 55 19.22 6.77 -18.14
CA THR A 55 19.08 7.51 -19.38
C THR A 55 18.06 6.87 -20.30
N SER A 56 17.57 5.70 -19.91
CA SER A 56 16.63 4.94 -20.73
C SER A 56 15.24 4.80 -20.09
N LYS A 57 15.17 4.91 -18.77
CA LYS A 57 13.88 4.80 -18.05
C LYS A 57 13.58 6.06 -17.25
N THR A 58 12.29 6.37 -17.13
CA THR A 58 11.83 7.44 -16.27
C THR A 58 10.87 6.83 -15.24
N PHE A 59 11.11 7.12 -13.96
CA PHE A 59 10.36 6.46 -12.89
C PHE A 59 9.21 7.31 -12.37
N PHE A 60 8.09 6.65 -12.06
CA PHE A 60 6.90 7.32 -11.58
C PHE A 60 6.29 6.53 -10.41
N TYR A 61 5.48 7.22 -9.61
CA TYR A 61 4.55 6.54 -8.71
C TYR A 61 3.15 6.62 -9.29
N CYS A 62 2.52 5.46 -9.46
CA CYS A 62 1.19 5.39 -10.05
C CYS A 62 0.11 5.16 -8.99
N GLY A 63 -0.94 5.98 -9.04
CA GLY A 63 -2.02 5.91 -8.09
C GLY A 63 -1.49 5.89 -6.68
N ILE A 64 -1.95 4.91 -5.90
CA ILE A 64 -1.52 4.78 -4.52
C ILE A 64 -0.55 3.63 -4.30
N LYS A 65 0.15 3.22 -5.37
CA LYS A 65 1.10 2.13 -5.25
C LYS A 65 2.22 2.54 -4.33
N ALA A 66 2.69 1.62 -3.50
CA ALA A 66 3.76 1.89 -2.56
C ALA A 66 5.12 1.76 -3.23
N GLY A 67 5.17 1.06 -4.36
CA GLY A 67 6.40 0.85 -5.10
C GLY A 67 6.41 1.63 -6.40
N ALA A 68 7.60 2.01 -6.86
CA ALA A 68 7.73 2.78 -8.09
C ALA A 68 7.51 1.96 -9.37
N SER A 69 7.07 2.64 -10.41
CA SER A 69 6.94 2.07 -11.75
C SER A 69 7.92 2.80 -12.64
N TYR A 70 8.03 2.39 -13.89
CA TYR A 70 8.83 3.14 -14.83
C TYR A 70 8.25 3.00 -16.21
N VAL A 71 8.55 3.96 -17.07
CA VAL A 71 8.28 3.82 -18.48
C VAL A 71 9.58 4.01 -19.25
N GLU A 72 9.68 3.36 -20.40
CA GLU A 72 10.83 3.54 -21.28
C GLU A 72 10.83 4.95 -21.82
N ASN A 73 12.01 5.55 -21.94
CA ASN A 73 12.12 6.94 -22.37
C ASN A 73 11.66 7.19 -23.82
N ASP A 74 11.69 6.16 -24.66
CA ASP A 74 11.25 6.38 -26.04
C ASP A 74 9.79 5.98 -26.22
N SER A 75 9.13 5.68 -25.11
CA SER A 75 7.73 5.27 -25.15
C SER A 75 6.86 6.36 -25.74
N PRO A 76 5.97 5.98 -26.65
CA PRO A 76 5.02 6.91 -27.27
C PRO A 76 3.96 7.41 -26.29
N TYR A 77 4.00 6.96 -25.04
CA TYR A 77 3.03 7.38 -24.02
C TYR A 77 3.62 8.34 -23.02
N LEU A 78 4.92 8.60 -23.12
CA LEU A 78 5.59 9.45 -22.13
C LEU A 78 4.96 10.85 -22.09
N ASN A 79 4.60 11.39 -23.24
CA ASN A 79 3.99 12.72 -23.27
C ASN A 79 2.60 12.69 -22.65
N ASP A 80 1.86 11.60 -22.85
CA ASP A 80 0.57 11.46 -22.19
C ASP A 80 0.72 11.45 -20.67
N ILE A 81 1.81 10.85 -20.19
CA ILE A 81 2.05 10.83 -18.74
C ILE A 81 2.34 12.23 -18.23
N LYS A 82 3.21 12.95 -18.94
CA LYS A 82 3.57 14.31 -18.56
C LYS A 82 2.35 15.22 -18.56
N GLU A 83 1.52 15.10 -19.58
CA GLU A 83 0.32 15.92 -19.67
C GLU A 83 -0.60 15.64 -18.48
N SER A 84 -0.70 14.38 -18.10
CA SER A 84 -1.55 14.00 -16.98
C SER A 84 -1.03 14.63 -15.68
N ILE A 85 0.28 14.60 -15.49
CA ILE A 85 0.92 15.25 -14.34
C ILE A 85 0.66 16.76 -14.33
N SER A 86 0.83 17.42 -15.47
CA SER A 86 0.57 18.86 -15.55
C SER A 86 -0.87 19.22 -15.22
N ASN A 87 -1.81 18.39 -15.65
CA ASN A 87 -3.22 18.70 -15.42
C ASN A 87 -3.74 18.21 -14.07
N GLY A 88 -2.92 17.44 -13.37
CA GLY A 88 -3.29 16.90 -12.07
C GLY A 88 -4.52 16.03 -12.09
N THR A 89 -4.70 15.29 -13.18
CA THR A 89 -5.89 14.49 -13.34
C THR A 89 -5.56 13.00 -13.36
N PRO A 90 -6.51 12.15 -12.93
CA PRO A 90 -6.28 10.72 -12.94
C PRO A 90 -6.32 10.15 -14.36
N ILE A 91 -5.57 9.09 -14.61
CA ILE A 91 -5.57 8.37 -15.89
C ILE A 91 -5.50 6.89 -15.61
N LYS A 92 -5.74 6.10 -16.65
CA LYS A 92 -5.67 4.66 -16.56
C LYS A 92 -4.27 4.22 -17.00
N ILE A 93 -3.61 3.41 -16.18
CA ILE A 93 -2.23 3.01 -16.46
C ILE A 93 -2.18 1.50 -16.59
N TYR A 94 -1.64 0.99 -17.70
CA TYR A 94 -1.50 -0.45 -17.89
C TYR A 94 -0.07 -0.89 -17.62
N PHE A 95 0.09 -2.03 -16.97
CA PHE A 95 1.42 -2.56 -16.65
C PHE A 95 1.71 -3.87 -17.38
N ASP A 96 2.99 -4.06 -17.71
CA ASP A 96 3.49 -5.28 -18.34
C ASP A 96 3.17 -6.50 -17.50
N GLU A 97 2.42 -7.44 -18.08
CA GLU A 97 2.04 -8.62 -17.33
C GLU A 97 3.24 -9.47 -16.93
N ASN A 98 4.36 -9.30 -17.62
CA ASN A 98 5.58 -10.05 -17.28
C ASN A 98 6.54 -9.23 -16.42
N GLU A 99 6.24 -7.95 -16.28
CA GLU A 99 7.09 -7.06 -15.49
C GLU A 99 6.22 -5.95 -14.92
N PRO A 100 5.65 -6.22 -13.73
CA PRO A 100 4.60 -5.36 -13.16
C PRO A 100 5.06 -3.91 -12.93
N GLU A 101 6.36 -3.71 -12.83
CA GLU A 101 6.92 -2.38 -12.59
C GLU A 101 6.88 -1.54 -13.85
N ARG A 102 6.72 -2.18 -15.00
CA ARG A 102 6.85 -1.47 -16.28
C ARG A 102 5.51 -1.02 -16.83
N ILE A 103 5.38 0.28 -17.07
CA ILE A 103 4.21 0.84 -17.73
C ILE A 103 4.26 0.55 -19.22
N ILE A 104 3.21 -0.05 -19.78
CA ILE A 104 3.20 -0.30 -21.23
C ILE A 104 2.31 0.68 -21.97
N SER A 105 1.34 1.27 -21.27
CA SER A 105 0.52 2.32 -21.88
C SER A 105 -0.27 3.10 -20.83
N VAL A 106 -0.77 4.26 -21.23
CA VAL A 106 -1.76 4.96 -20.43
C VAL A 106 -2.88 5.44 -21.35
N VAL A 107 -4.05 5.71 -20.78
CA VAL A 107 -5.15 6.20 -21.58
C VAL A 107 -6.02 7.11 -20.71
N LYS A 108 -6.53 8.17 -21.30
CA LYS A 108 -7.45 9.07 -20.61
C LYS A 108 -8.73 8.33 -20.16
N ILE A 109 -9.26 8.69 -19.00
CA ILE A 109 -10.44 7.98 -18.51
C ILE A 109 -11.73 8.72 -18.89
N SER A 110 -12.86 8.04 -18.81
CA SER A 110 -14.14 8.64 -19.16
C SER A 110 -14.63 9.57 -18.06
N ASN A 111 -15.71 10.30 -18.32
CA ASN A 111 -16.29 11.19 -17.32
C ASN A 111 -16.81 10.42 -16.11
N SER A 112 -17.45 9.27 -16.34
CA SER A 112 -17.95 8.46 -15.23
C SER A 112 -16.81 7.83 -14.42
N GLU A 113 -15.74 7.38 -15.09
CA GLU A 113 -14.56 6.89 -14.36
C GLU A 113 -13.96 8.02 -13.51
N GLU A 114 -13.90 9.22 -14.09
CA GLU A 114 -13.31 10.33 -13.36
C GLU A 114 -14.18 10.71 -12.15
N LYS A 115 -15.49 10.76 -12.35
CA LYS A 115 -16.42 10.99 -11.24
C LYS A 115 -16.26 9.95 -10.12
N ASN A 116 -16.24 8.66 -10.49
CA ASN A 116 -16.14 7.59 -9.49
C ASN A 116 -14.82 7.70 -8.73
N TRP A 117 -13.76 8.03 -9.44
CA TRP A 117 -12.48 8.22 -8.79
C TRP A 117 -12.56 9.39 -7.82
N ASN A 118 -13.07 10.53 -8.28
CA ASN A 118 -13.18 11.71 -7.42
C ASN A 118 -14.05 11.50 -6.17
N LEU A 119 -15.09 10.68 -6.28
CA LEU A 119 -16.00 10.45 -5.15
C LEU A 119 -15.30 9.78 -3.96
N ASN A 120 -14.14 9.17 -4.18
CA ASN A 120 -13.40 8.55 -3.07
C ASN A 120 -12.25 9.40 -2.53
N VAL A 121 -12.11 10.62 -3.03
CA VAL A 121 -10.99 11.48 -2.68
C VAL A 121 -11.39 12.69 -1.82
N LYS A 122 -10.61 12.92 -0.77
CA LYS A 122 -10.75 14.11 0.05
C LYS A 122 -9.38 14.72 0.30
N TYR A 123 -9.33 16.04 0.43
CA TYR A 123 -8.13 16.67 0.92
C TYR A 123 -8.45 17.23 2.30
N ASP A 124 -7.81 16.68 3.32
CA ASP A 124 -8.06 17.08 4.70
C ASP A 124 -6.89 16.65 5.55
N GLU A 125 -6.52 17.49 6.51
CA GLU A 125 -5.50 17.12 7.49
C GLU A 125 -5.92 15.85 8.23
N THR A 126 -4.95 15.00 8.57
CA THR A 126 -5.27 13.91 9.48
C THR A 126 -5.71 14.51 10.82
N PRO A 127 -6.72 13.90 11.45
CA PRO A 127 -7.13 14.39 12.78
C PRO A 127 -6.05 14.13 13.82
N PHE A 128 -5.25 13.10 13.62
CA PHE A 128 -4.38 12.62 14.68
C PHE A 128 -2.94 13.02 14.48
N LYS A 129 -2.37 13.66 15.50
CA LYS A 129 -1.01 14.14 15.41
C LYS A 129 -0.12 13.36 16.35
N THR A 130 -0.68 12.87 17.46
CA THR A 130 0.10 12.13 18.44
C THR A 130 -0.58 10.83 18.84
N ILE A 131 0.16 10.02 19.60
CA ILE A 131 -0.35 8.78 20.18
C ILE A 131 -1.47 9.06 21.18
N GLU A 132 -1.29 10.13 21.96
CA GLU A 132 -2.30 10.50 22.94
C GLU A 132 -3.62 10.82 22.25
N ASP A 133 -3.55 11.34 21.02
CA ASP A 133 -4.75 11.61 20.25
C ASP A 133 -5.53 10.33 20.01
N LEU A 134 -4.82 9.22 19.80
CA LEU A 134 -5.47 7.93 19.54
C LEU A 134 -6.16 7.42 20.80
N ASN A 135 -5.53 7.67 21.95
CA ASN A 135 -6.11 7.30 23.24
C ASN A 135 -7.36 8.10 23.55
N ARG A 136 -7.80 8.87 22.55
CA ARG A 136 -9.07 9.56 22.55
C ARG A 136 -9.04 10.75 23.48
N SER A 145 -13.22 -2.04 22.22
CA SER A 145 -13.59 -1.97 20.81
C SER A 145 -12.36 -1.73 19.96
N PHE A 146 -11.55 -0.74 20.35
CA PHE A 146 -10.17 -0.64 19.89
C PHE A 146 -9.29 -1.54 20.77
N ASP A 147 -9.87 -2.02 21.87
CA ASP A 147 -9.11 -2.77 22.86
C ASP A 147 -9.13 -4.27 22.59
N PHE A 148 -7.94 -4.86 22.41
CA PHE A 148 -7.78 -6.31 22.25
C PHE A 148 -7.08 -6.85 23.49
N THR A 149 -7.49 -8.01 23.99
CA THR A 149 -6.63 -8.67 24.98
C THR A 149 -5.40 -9.19 24.25
N THR A 150 -4.40 -9.62 25.01
CA THR A 150 -3.20 -10.18 24.41
C THR A 150 -3.53 -11.36 23.50
N THR A 151 -4.43 -12.22 23.97
CA THR A 151 -4.76 -13.40 23.18
C THR A 151 -5.74 -13.04 22.06
N GLU A 152 -6.57 -12.03 22.26
CA GLU A 152 -7.43 -11.56 21.17
C GLU A 152 -6.57 -11.08 20.00
N ALA A 153 -5.51 -10.35 20.32
CA ALA A 153 -4.58 -9.82 19.32
C ALA A 153 -3.89 -10.95 18.57
N VAL A 154 -3.37 -11.91 19.34
CA VAL A 154 -2.65 -13.03 18.75
C VAL A 154 -3.56 -13.91 17.90
N ASN A 155 -4.78 -14.18 18.39
CA ASN A 155 -5.73 -14.97 17.61
C ASN A 155 -6.07 -14.27 16.31
N PHE A 156 -6.23 -12.95 16.38
CA PHE A 156 -6.61 -12.20 15.19
C PHE A 156 -5.46 -12.23 14.19
N PHE A 157 -4.25 -12.00 14.68
CA PHE A 157 -3.08 -12.07 13.83
C PHE A 157 -3.04 -13.41 13.11
N ASN A 158 -3.17 -14.48 13.89
CA ASN A 158 -3.13 -15.83 13.33
C ASN A 158 -4.23 -16.08 12.30
N ALA A 159 -5.43 -15.60 12.61
CA ALA A 159 -6.56 -15.75 11.70
C ALA A 159 -6.28 -15.01 10.39
N MET A 160 -5.62 -13.85 10.46
CA MET A 160 -5.31 -13.10 9.24
C MET A 160 -4.18 -13.78 8.47
N LYS A 161 -3.19 -14.31 9.20
CA LYS A 161 -2.09 -15.04 8.58
C LYS A 161 -2.59 -16.25 7.80
N ASN A 162 -3.63 -16.90 8.32
CA ASN A 162 -4.22 -18.07 7.68
C ASN A 162 -5.08 -17.72 6.47
N LYS A 163 -5.32 -16.44 6.24
CA LYS A 163 -6.08 -16.04 5.07
C LYS A 163 -5.13 -15.67 3.94
N SER A 164 -3.82 -15.79 4.19
CA SER A 164 -2.84 -15.54 3.14
C SER A 164 -3.09 -16.44 1.94
N CYS A 165 -2.97 -15.88 0.74
CA CYS A 165 -3.14 -16.65 -0.48
C CYS A 165 -2.11 -17.78 -0.57
N ALA A 166 -0.98 -17.61 0.12
CA ALA A 166 0.07 -18.63 0.08
C ALA A 166 -0.34 -19.85 0.91
N ILE A 167 -1.22 -19.64 1.87
CA ILE A 167 -1.63 -20.70 2.79
C ILE A 167 -3.01 -21.26 2.41
N ASN A 168 -3.92 -20.34 2.10
CA ASN A 168 -5.26 -20.73 1.68
C ASN A 168 -5.67 -19.95 0.44
N ASN A 169 -5.32 -20.48 -0.73
CA ASN A 169 -5.63 -19.78 -1.97
C ASN A 169 -7.09 -19.93 -2.34
N GLN A 170 -7.85 -18.85 -2.18
CA GLN A 170 -9.27 -18.82 -2.48
C GLN A 170 -9.73 -17.38 -2.62
N ASN A 171 -10.95 -17.17 -3.11
CA ASN A 171 -11.49 -15.83 -3.25
C ASN A 171 -11.31 -14.99 -1.98
N LEU A 172 -10.81 -13.77 -2.16
CA LEU A 172 -10.63 -12.79 -1.09
C LEU A 172 -9.43 -13.11 -0.18
N CYS A 173 -8.62 -14.09 -0.55
CA CYS A 173 -7.44 -14.36 0.25
C CYS A 173 -6.55 -13.13 0.21
N ILE A 174 -5.78 -12.93 1.27
CA ILE A 174 -4.98 -11.71 1.37
C ILE A 174 -3.56 -12.01 0.89
N PRO A 175 -3.10 -11.28 -0.14
CA PRO A 175 -1.80 -11.66 -0.73
C PRO A 175 -0.59 -11.19 0.08
N PHE A 176 -0.44 -11.74 1.28
CA PHE A 176 0.69 -11.40 2.13
C PHE A 176 2.00 -11.82 1.47
N GLN A 177 1.92 -12.82 0.59
CA GLN A 177 3.13 -13.35 -0.04
C GLN A 177 3.73 -12.38 -1.08
N TYR A 178 2.97 -11.34 -1.43
CA TYR A 178 3.43 -10.39 -2.44
C TYR A 178 3.81 -9.06 -1.79
N ALA A 179 5.10 -8.88 -1.55
CA ALA A 179 5.56 -7.74 -0.76
C ALA A 179 5.69 -6.44 -1.53
N ASN A 180 5.86 -6.52 -2.85
CA ASN A 180 6.15 -5.31 -3.63
C ASN A 180 5.09 -4.20 -3.49
N ASP A 181 3.82 -4.59 -3.38
CA ASP A 181 2.72 -3.61 -3.31
C ASP A 181 1.45 -4.21 -2.70
N GLY A 182 0.46 -3.38 -2.41
CA GLY A 182 -0.85 -3.87 -2.01
C GLY A 182 -1.11 -3.73 -0.53
N CYS A 183 -0.21 -3.07 0.20
CA CYS A 183 -0.35 -2.94 1.65
C CYS A 183 -1.68 -2.26 2.02
N TYR A 184 -2.07 -1.26 1.25
CA TYR A 184 -3.33 -0.55 1.48
C TYR A 184 -4.54 -1.50 1.49
N ALA A 185 -4.61 -2.42 0.53
CA ALA A 185 -5.72 -3.38 0.45
C ALA A 185 -5.62 -4.46 1.53
N ARG A 186 -4.42 -4.91 1.83
CA ARG A 186 -4.23 -5.90 2.88
C ARG A 186 -4.70 -5.31 4.22
N ALA A 187 -4.33 -4.06 4.51
CA ALA A 187 -4.77 -3.43 5.76
C ALA A 187 -6.27 -3.20 5.80
N HIS A 188 -6.87 -2.85 4.66
CA HIS A 188 -8.29 -2.56 4.66
C HIS A 188 -9.09 -3.86 4.80
N MET A 189 -8.60 -4.95 4.21
CA MET A 189 -9.28 -6.23 4.36
C MET A 189 -9.20 -6.72 5.81
N MET A 190 -8.04 -6.58 6.44
CA MET A 190 -7.92 -6.91 7.86
C MET A 190 -8.90 -6.09 8.70
N ARG A 191 -9.05 -4.81 8.36
CA ARG A 191 -10.04 -3.95 9.00
C ARG A 191 -11.46 -4.51 8.86
N GLN A 192 -11.83 -4.96 7.67
CA GLN A 192 -13.18 -5.52 7.50
C GLN A 192 -13.43 -6.71 8.40
N HIS A 193 -12.46 -7.61 8.49
CA HIS A 193 -12.55 -8.79 9.37
C HIS A 193 -12.64 -8.40 10.84
N MET A 194 -11.85 -7.41 11.26
CA MET A 194 -11.99 -6.86 12.62
C MET A 194 -13.38 -6.38 12.91
N ASN A 195 -13.89 -5.52 12.01
CA ASN A 195 -15.19 -4.90 12.19
C ASN A 195 -16.30 -5.94 12.33
N TYR A 196 -16.17 -7.05 11.59
CA TYR A 196 -17.11 -8.15 11.70
C TYR A 196 -17.16 -8.72 13.12
N ALA A 197 -16.02 -8.69 13.81
CA ALA A 197 -15.97 -9.12 15.20
C ALA A 197 -16.18 -7.95 16.18
N SER A 198 -16.78 -6.87 15.69
CA SER A 198 -17.04 -5.67 16.49
C SER A 198 -15.77 -5.08 17.09
N LYS A 199 -14.67 -5.21 16.37
CA LYS A 199 -13.44 -4.56 16.77
C LYS A 199 -13.05 -3.54 15.71
N ASP A 200 -12.23 -2.58 16.07
CA ASP A 200 -11.75 -1.62 15.09
C ASP A 200 -10.29 -1.31 15.36
N CYS A 201 -9.68 -0.57 14.43
CA CYS A 201 -8.28 -0.25 14.52
C CYS A 201 -8.04 1.19 14.04
N TYR A 202 -6.80 1.65 14.17
CA TYR A 202 -6.33 2.77 13.36
C TYR A 202 -5.42 2.23 12.25
N LYS A 203 -5.08 3.09 11.30
CA LYS A 203 -4.07 2.79 10.30
C LYS A 203 -2.81 3.56 10.69
N ILE A 204 -1.66 2.90 10.68
CA ILE A 204 -0.40 3.61 10.78
C ILE A 204 0.29 3.57 9.40
N PHE A 205 0.62 4.76 8.91
CA PHE A 205 1.37 4.92 7.67
C PHE A 205 2.80 5.31 8.00
N ALA A 206 3.77 4.62 7.41
CA ALA A 206 5.15 5.08 7.46
C ALA A 206 5.53 5.57 6.08
N TYR A 207 6.35 6.62 6.02
CA TYR A 207 6.81 7.17 4.76
C TYR A 207 8.31 7.41 4.81
N GLY A 208 8.96 7.28 3.66
CA GLY A 208 10.37 7.58 3.55
C GLY A 208 11.04 6.77 2.46
N ASN A 209 12.34 6.55 2.63
CA ASN A 209 13.05 5.63 1.75
C ASN A 209 13.03 4.23 2.37
N LEU A 210 11.85 3.61 2.36
CA LEU A 210 11.66 2.37 3.10
C LEU A 210 12.28 1.20 2.34
N LYS A 211 12.98 0.34 3.06
CA LYS A 211 13.60 -0.84 2.47
C LYS A 211 13.45 -2.01 3.42
N VAL A 212 13.08 -3.17 2.90
CA VAL A 212 13.01 -4.36 3.74
C VAL A 212 13.70 -5.52 3.05
N ASN A 213 14.20 -6.44 3.86
CA ASN A 213 14.69 -7.72 3.34
C ASN A 213 13.63 -8.77 3.62
N THR A 214 13.06 -9.32 2.55
CA THR A 214 11.97 -10.29 2.66
C THR A 214 12.49 -11.71 2.69
N SER A 215 13.78 -11.87 2.44
CA SER A 215 14.41 -13.19 2.42
C SER A 215 14.91 -13.59 3.80
N SER A 216 14.57 -14.80 4.21
CA SER A 216 15.02 -15.34 5.49
C SER A 216 16.43 -15.91 5.38
N THR A 217 16.76 -16.42 4.20
CA THR A 217 18.06 -17.03 3.97
C THR A 217 19.10 -16.06 3.42
N GLY A 218 18.70 -15.26 2.44
CA GLY A 218 19.62 -14.34 1.78
C GLY A 218 19.10 -12.92 1.67
N VAL A 219 19.25 -12.34 0.49
CA VAL A 219 18.82 -10.96 0.27
C VAL A 219 17.79 -10.84 -0.87
N CYS A 220 16.58 -10.45 -0.50
CA CYS A 220 15.56 -10.10 -1.45
C CYS A 220 14.97 -8.76 -1.01
N GLY A 221 15.57 -7.68 -1.49
CA GLY A 221 15.28 -6.36 -0.99
C GLY A 221 14.12 -5.76 -1.75
N ILE A 222 13.26 -5.04 -1.04
CA ILE A 222 12.10 -4.38 -1.64
C ILE A 222 12.07 -2.94 -1.16
N ALA A 223 11.80 -2.01 -2.05
CA ALA A 223 11.78 -0.58 -1.70
C ALA A 223 10.38 0.01 -1.83
N TRP A 224 9.96 0.80 -0.83
CA TRP A 224 8.65 1.47 -0.82
C TRP A 224 8.78 2.97 -0.55
N ARG A 225 7.86 3.78 -1.06
CA ARG A 225 7.76 5.17 -0.62
C ARG A 225 6.91 5.26 0.65
N TYR A 226 6.07 4.26 0.89
CA TYR A 226 5.28 4.23 2.12
C TYR A 226 4.81 2.81 2.42
N HIS A 227 4.35 2.60 3.65
CA HIS A 227 3.79 1.30 4.02
C HIS A 227 2.67 1.55 5.03
N VAL A 228 1.63 0.72 5.02
CA VAL A 228 0.54 0.92 5.96
C VAL A 228 0.12 -0.42 6.57
N ALA A 229 -0.30 -0.41 7.83
CA ALA A 229 -0.81 -1.61 8.49
C ALA A 229 -1.80 -1.21 9.59
N PRO A 230 -2.69 -2.15 10.00
CA PRO A 230 -3.60 -1.82 11.10
C PRO A 230 -2.85 -1.63 12.41
N LEU A 231 -3.43 -0.80 13.27
CA LEU A 231 -2.87 -0.51 14.58
C LEU A 231 -3.94 -0.74 15.66
N ILE A 232 -3.65 -1.62 16.60
CA ILE A 232 -4.63 -1.95 17.63
C ILE A 232 -4.06 -1.76 19.04
N SER A 233 -4.95 -1.57 20.01
CA SER A 233 -4.55 -1.33 21.39
C SER A 233 -4.59 -2.62 22.21
N VAL A 234 -3.43 -3.05 22.68
CA VAL A 234 -3.31 -4.26 23.49
C VAL A 234 -2.70 -3.89 24.84
N ASN A 235 -3.51 -4.01 25.89
CA ASN A 235 -3.08 -3.60 27.23
C ASN A 235 -2.45 -2.21 27.23
N GLY A 236 -3.09 -1.27 26.54
CA GLY A 236 -2.63 0.10 26.52
C GLY A 236 -1.41 0.39 25.65
N VAL A 237 -0.93 -0.62 24.93
CA VAL A 237 0.19 -0.44 24.02
C VAL A 237 -0.28 -0.64 22.58
N TRP A 238 -0.06 0.37 21.73
CA TRP A 238 -0.45 0.22 20.33
C TRP A 238 0.47 -0.76 19.61
N ASN A 239 -0.15 -1.75 18.98
CA ASN A 239 0.55 -2.81 18.28
C ASN A 239 0.22 -2.80 16.79
N VAL A 240 1.23 -2.97 15.96
CA VAL A 240 1.02 -3.12 14.53
C VAL A 240 0.72 -4.58 14.17
N ILE A 241 -0.30 -4.76 13.34
CA ILE A 241 -0.66 -6.09 12.83
C ILE A 241 -0.23 -6.19 11.36
N ASP A 242 0.93 -6.78 11.10
CA ASP A 242 1.43 -6.84 9.73
C ASP A 242 2.00 -8.21 9.36
N PRO A 243 1.13 -9.14 8.92
CA PRO A 243 1.60 -10.47 8.54
C PRO A 243 2.50 -10.48 7.31
N SER A 244 2.58 -9.38 6.58
CA SER A 244 3.50 -9.36 5.44
C SER A 244 4.95 -9.17 5.93
N LEU A 245 5.13 -8.72 7.17
CA LEU A 245 6.49 -8.47 7.65
C LEU A 245 6.85 -9.26 8.91
N PHE A 246 5.84 -9.66 9.67
CA PHE A 246 6.09 -10.31 10.97
C PHE A 246 5.20 -11.54 11.18
N ASN A 247 5.52 -12.33 12.22
CA ASN A 247 4.75 -13.53 12.52
C ASN A 247 3.91 -13.37 13.78
N GLN A 248 3.87 -12.13 14.29
CA GLN A 248 3.11 -11.81 15.50
C GLN A 248 2.89 -10.29 15.60
N PRO A 249 1.95 -9.85 16.46
CA PRO A 249 1.85 -8.40 16.70
C PRO A 249 3.16 -7.84 17.23
N VAL A 250 3.50 -6.62 16.84
CA VAL A 250 4.72 -5.97 17.31
C VAL A 250 4.48 -4.50 17.64
N THR A 251 5.44 -3.89 18.34
CA THR A 251 5.37 -2.47 18.62
C THR A 251 5.61 -1.65 17.35
N ILE A 252 5.28 -0.37 17.43
CA ILE A 252 5.51 0.55 16.31
C ILE A 252 7.01 0.65 16.03
N THR A 253 7.82 0.75 17.08
CA THR A 253 9.27 0.83 16.92
C THR A 253 9.83 -0.39 16.16
N THR A 254 9.40 -1.58 16.56
CA THR A 254 9.85 -2.81 15.90
C THR A 254 9.42 -2.81 14.42
N TRP A 255 8.19 -2.39 14.15
CA TRP A 255 7.69 -2.30 12.78
C TRP A 255 8.50 -1.31 11.95
N LEU A 256 8.72 -0.11 12.49
CA LEU A 256 9.49 0.91 11.78
C LEU A 256 10.94 0.46 11.52
N ASN A 257 11.56 -0.16 12.53
CA ASN A 257 12.95 -0.60 12.41
C ASN A 257 13.12 -1.63 11.30
N LYS A 258 12.07 -2.39 11.01
CA LYS A 258 12.14 -3.41 9.96
C LYS A 258 12.33 -2.77 8.58
N MET A 259 11.92 -1.51 8.47
CA MET A 259 11.88 -0.83 7.18
C MET A 259 13.09 0.05 6.94
N LYS A 260 14.15 -0.21 7.71
CA LYS A 260 15.41 0.50 7.56
C LYS A 260 16.52 -0.41 7.10
N TYR A 261 16.17 -1.40 6.29
CA TYR A 261 17.15 -2.35 5.81
C TYR A 261 18.09 -1.67 4.80
N ASN A 262 19.38 -2.01 4.85
CA ASN A 262 20.32 -1.54 3.83
C ASN A 262 20.29 -0.01 3.68
N GLY A 263 20.30 0.69 4.80
CA GLY A 263 20.32 2.14 4.77
C GLY A 263 18.97 2.78 4.50
N GLY A 264 17.90 2.01 4.66
CA GLY A 264 16.56 2.56 4.51
C GLY A 264 16.26 3.54 5.62
N THR A 265 15.41 4.52 5.36
CA THR A 265 15.06 5.50 6.39
C THR A 265 13.56 5.82 6.42
N VAL A 266 13.06 6.10 7.63
CA VAL A 266 11.68 6.58 7.82
C VAL A 266 11.68 8.10 7.99
N ALA A 267 11.02 8.82 7.09
CA ALA A 267 11.00 10.28 7.21
C ALA A 267 9.96 10.71 8.26
N THR A 268 8.81 10.04 8.27
CA THR A 268 7.72 10.36 9.19
C THR A 268 6.66 9.25 9.22
N THR A 269 5.73 9.37 10.15
CA THR A 269 4.59 8.48 10.17
C THR A 269 3.32 9.30 10.33
N SER A 270 2.20 8.70 9.99
CA SER A 270 0.90 9.33 10.18
C SER A 270 -0.10 8.30 10.72
N TYR A 271 -0.93 8.72 11.67
CA TYR A 271 -2.04 7.89 12.18
C TYR A 271 -3.37 8.34 11.59
N GLN A 272 -4.21 7.39 11.21
CA GLN A 272 -5.47 7.70 10.54
C GLN A 272 -6.61 6.81 11.01
N ASN A 273 -7.85 7.29 10.85
CA ASN A 273 -9.03 6.46 11.02
C ASN A 273 -8.90 5.22 10.13
N SER A 274 -9.48 4.10 10.53
CA SER A 274 -9.35 2.87 9.75
C SER A 274 -10.06 3.00 8.40
N SER A 275 -11.04 3.90 8.31
CA SER A 275 -11.77 4.13 7.06
C SER A 275 -10.86 4.68 5.97
N VAL A 276 -9.76 5.31 6.38
CA VAL A 276 -8.81 5.85 5.41
C VAL A 276 -8.04 4.73 4.72
N TYR A 277 -8.15 4.68 3.40
CA TYR A 277 -7.53 3.65 2.57
C TYR A 277 -6.11 4.03 2.25
N TYR A 278 -5.90 5.28 1.84
CA TYR A 278 -4.56 5.80 1.63
C TYR A 278 -4.49 7.27 2.03
N TYR A 279 -3.36 7.67 2.58
CA TYR A 279 -3.16 9.06 2.97
C TYR A 279 -1.75 9.52 2.62
N ASP A 280 -1.67 10.68 1.98
CA ASP A 280 -0.42 11.30 1.60
C ASP A 280 -0.20 12.48 2.53
N TYR A 281 0.80 12.39 3.42
CA TYR A 281 1.00 13.44 4.42
C TYR A 281 1.47 14.77 3.82
N VAL A 282 2.01 14.72 2.63
CA VAL A 282 2.54 15.93 2.00
C VAL A 282 1.41 16.76 1.39
N SER A 283 0.56 16.12 0.59
CA SER A 283 -0.50 16.82 -0.14
C SER A 283 -1.84 16.81 0.56
N ASN A 284 -1.96 16.00 1.61
CA ASN A 284 -3.24 15.71 2.29
C ASN A 284 -4.24 14.93 1.44
N TYR A 285 -3.79 14.40 0.29
CA TYR A 285 -4.59 13.49 -0.52
C TYR A 285 -5.06 12.33 0.35
N THR A 286 -6.36 12.09 0.35
CA THR A 286 -6.91 11.02 1.17
C THR A 286 -7.90 10.21 0.33
N GLN A 287 -7.70 8.91 0.28
CA GLN A 287 -8.61 8.06 -0.47
C GLN A 287 -9.38 7.17 0.49
N TYR A 288 -10.67 7.07 0.24
CA TYR A 288 -11.55 6.14 0.96
C TYR A 288 -11.96 4.97 0.07
N ASP A 289 -12.31 3.85 0.69
CA ASP A 289 -12.76 2.65 -0.02
C ASP A 289 -13.86 1.99 0.79
N ASN A 290 -14.95 2.73 1.00
CA ASN A 290 -15.96 2.39 2.00
C ASN A 290 -16.69 1.10 1.68
N ASN A 291 -16.76 0.76 0.40
CA ASN A 291 -17.44 -0.47 -0.03
C ASN A 291 -16.48 -1.58 -0.38
N TYR A 292 -15.19 -1.34 -0.13
CA TYR A 292 -14.12 -2.32 -0.34
C TYR A 292 -13.97 -2.70 -1.82
N THR A 293 -14.45 -1.84 -2.70
CA THR A 293 -14.33 -2.06 -4.15
C THR A 293 -12.88 -2.18 -4.60
N ASP A 294 -12.08 -1.19 -4.25
CA ASP A 294 -10.66 -1.24 -4.64
C ASP A 294 -9.90 -2.30 -3.87
N THR A 295 -10.29 -2.54 -2.61
CA THR A 295 -9.64 -3.59 -1.82
C THR A 295 -9.76 -4.93 -2.53
N TYR A 296 -10.99 -5.32 -2.84
CA TYR A 296 -11.27 -6.59 -3.51
C TYR A 296 -10.53 -6.70 -4.84
N SER A 297 -10.57 -5.63 -5.62
CA SER A 297 -9.89 -5.58 -6.91
C SER A 297 -8.37 -5.82 -6.73
N THR A 298 -7.78 -5.19 -5.71
CA THR A 298 -6.33 -5.32 -5.49
C THR A 298 -5.96 -6.71 -4.98
N LEU A 299 -6.77 -7.26 -4.08
CA LEU A 299 -6.53 -8.61 -3.59
C LEU A 299 -6.54 -9.58 -4.76
N ALA A 300 -7.50 -9.41 -5.66
CA ALA A 300 -7.64 -10.32 -6.78
C ALA A 300 -6.43 -10.16 -7.69
N ASN A 301 -5.99 -8.92 -7.89
CA ASN A 301 -4.91 -8.65 -8.82
C ASN A 301 -3.59 -9.28 -8.37
N TYR A 302 -3.39 -9.35 -7.07
CA TYR A 302 -2.11 -9.78 -6.51
C TYR A 302 -2.19 -11.19 -5.98
N ARG A 303 -3.35 -11.82 -6.15
CA ARG A 303 -3.64 -13.14 -5.59
C ARG A 303 -2.57 -14.17 -5.91
N TYR A 304 -2.12 -14.18 -7.16
CA TYR A 304 -1.19 -15.21 -7.60
C TYR A 304 0.25 -14.72 -7.74
N ARG A 305 0.50 -13.47 -7.36
CA ARG A 305 1.84 -12.89 -7.50
C ARG A 305 2.80 -13.29 -6.39
N GLN A 306 4.07 -13.41 -6.75
CA GLN A 306 5.14 -13.69 -5.83
C GLN A 306 6.07 -12.48 -5.77
N THR A 307 6.57 -12.17 -4.58
CA THR A 307 7.46 -11.03 -4.38
C THR A 307 8.60 -11.01 -5.40
N SER A 308 8.82 -9.86 -6.03
CA SER A 308 9.91 -9.69 -6.98
C SER A 308 11.01 -8.83 -6.36
N CYS A 309 12.21 -9.39 -6.22
CA CYS A 309 13.29 -8.66 -5.53
C CYS A 309 13.69 -7.37 -6.24
N SER A 310 13.51 -6.24 -5.57
CA SER A 310 13.91 -4.94 -6.10
C SER A 310 15.43 -4.87 -6.24
N PHE A 311 16.15 -5.31 -5.23
CA PHE A 311 17.61 -5.44 -5.34
C PHE A 311 18.12 -6.73 -4.70
N LEU A 312 19.22 -7.24 -5.25
CA LEU A 312 19.85 -8.46 -4.79
C LEU A 312 21.20 -8.18 -4.16
#